data_9CS5
#
_entry.id   9CS5
#
_cell.length_a   110.343
_cell.length_b   110.343
_cell.length_c   84.457
_cell.angle_alpha   90.000
_cell.angle_beta   90.000
_cell.angle_gamma   120.000
#
_symmetry.space_group_name_H-M   'P 63'
#
loop_
_entity.id
_entity.type
_entity.pdbx_description
1 polymer 'Ammonium transporter AmtB'
2 non-polymer 'LAURYL DIMETHYLAMINE-N-OXIDE'
3 non-polymer 'ACETIC ACID'
4 non-polymer GLYCEROL
5 non-polymer XENON
6 non-polymer 'SULFATE ION'
7 non-polymer 'AMINO GROUP'
8 water water
#
_entity_poly.entity_id   1
_entity_poly.type   'polypeptide(L)'
_entity_poly.pdbx_seq_one_letter_code
;MKIATIKTGLASLAMLPGLVMAAPAVADKADNAFMMICTALVLFMTIPGIALFYGGLIRGKNVLSMLTQVTVTFALVCIL
WVVYGYSLAFGEGNNFFGNINWLMLKNIELTAVMGSIYQYIHVAFQGSFACITVGLIVGALAERIRFSAVLIFVVVWLTL
SYIPIAHMVWGGGLLASHGALDFAGGTVVHINAAIAGLVGAYLIGKRVGFGKEAFKPHNLPMVFTGTAILYIGWFGFNAG
SAGTANEIAALAFVNTVVATAAAILGWIFGEWALRGKPSLLGACSGAIAGLVGVTPACGYIGVGGALIIGVVAGLAGLWG
VTMLKRLLRVDDPCDVFGVHGVCGIVGCIMTGIFAASSLGGVGFAEGVTMGHQLLVQLESIAITIVWSGVVAFIGYKLAD
LTVGLRVPEEQEREGLDVNSHGENAYNADQAQQPAQADLEHHHHHH
;
_entity_poly.pdbx_strand_id   A
#
# COMPACT_ATOMS: atom_id res chain seq x y z
N ALA A 23 9.08 -21.46 27.38
CA ALA A 23 7.89 -20.57 27.36
C ALA A 23 8.08 -19.39 26.39
N PRO A 24 9.12 -18.59 26.58
CA PRO A 24 9.29 -17.42 25.70
C PRO A 24 9.50 -17.85 24.26
N ALA A 25 8.86 -17.12 23.35
CA ALA A 25 8.96 -17.42 21.93
C ALA A 25 10.42 -17.42 21.47
N VAL A 26 10.72 -18.29 20.53
CA VAL A 26 12.05 -18.41 19.95
C VAL A 26 11.97 -18.08 18.46
N ALA A 27 12.97 -17.34 17.98
CA ALA A 27 12.98 -16.97 16.58
C ALA A 27 13.37 -18.18 15.73
N ASP A 28 12.68 -18.34 14.60
CA ASP A 28 13.02 -19.34 13.60
C ASP A 28 13.91 -18.65 12.55
N LYS A 29 15.13 -19.15 12.37
CA LYS A 29 16.06 -18.50 11.45
C LYS A 29 15.54 -18.53 10.02
N ALA A 30 14.76 -19.55 9.65
CA ALA A 30 14.17 -19.56 8.31
C ALA A 30 13.22 -18.39 8.14
N ASP A 31 12.47 -18.05 9.19
CA ASP A 31 11.57 -16.92 9.06
C ASP A 31 12.33 -15.60 9.16
N ASN A 32 13.38 -15.55 9.99
CA ASN A 32 14.24 -14.37 10.01
C ASN A 32 14.78 -14.08 8.60
N ALA A 33 15.35 -15.09 7.95
CA ALA A 33 15.93 -14.90 6.63
C ALA A 33 14.84 -14.49 5.62
N PHE A 34 13.74 -15.23 5.61
CA PHE A 34 12.65 -14.90 4.71
C PHE A 34 12.22 -13.46 4.88
N MET A 35 12.04 -13.04 6.13
CA MET A 35 11.47 -11.72 6.37
C MET A 35 12.47 -10.58 6.13
N MET A 36 13.75 -10.79 6.37
CA MET A 36 14.72 -9.74 6.01
C MET A 36 14.78 -9.55 4.51
N ILE A 37 14.74 -10.65 3.75
CA ILE A 37 14.78 -10.53 2.31
C ILE A 37 13.48 -9.93 1.78
N CYS A 38 12.33 -10.31 2.36
CA CYS A 38 11.09 -9.66 1.96
C CYS A 38 11.13 -8.16 2.23
N THR A 39 11.75 -7.73 3.34
CA THR A 39 11.90 -6.30 3.61
C THR A 39 12.73 -5.62 2.52
N ALA A 40 13.83 -6.27 2.12
CA ALA A 40 14.63 -5.70 1.04
C ALA A 40 13.82 -5.59 -0.24
N LEU A 41 12.99 -6.60 -0.53
N LEU A 41 12.99 -6.60 -0.53
CA LEU A 41 12.14 -6.53 -1.73
CA LEU A 41 12.12 -6.54 -1.70
C LEU A 41 11.14 -5.37 -1.63
C LEU A 41 11.16 -5.36 -1.62
N VAL A 42 10.63 -5.08 -0.43
CA VAL A 42 9.67 -4.00 -0.31
C VAL A 42 10.36 -2.63 -0.45
N LEU A 43 11.51 -2.46 0.20
CA LEU A 43 12.29 -1.25 -0.02
C LEU A 43 12.58 -1.04 -1.50
N PHE A 44 12.90 -2.14 -2.21
CA PHE A 44 13.13 -2.12 -3.66
C PHE A 44 11.96 -1.50 -4.40
N MET A 45 10.73 -1.71 -3.91
CA MET A 45 9.55 -1.14 -4.53
C MET A 45 9.61 0.39 -4.55
N THR A 46 10.19 1.02 -3.53
CA THR A 46 10.28 2.48 -3.49
C THR A 46 11.56 2.96 -4.20
N ILE A 47 12.69 2.37 -3.84
CA ILE A 47 14.03 2.70 -4.29
C ILE A 47 14.52 1.54 -5.16
N PRO A 48 14.34 1.58 -6.48
CA PRO A 48 13.88 2.68 -7.35
C PRO A 48 12.50 2.49 -7.95
N GLY A 49 11.79 1.44 -7.57
CA GLY A 49 10.54 1.09 -8.24
C GLY A 49 9.59 2.24 -8.54
N ILE A 50 9.01 2.84 -7.51
CA ILE A 50 7.95 3.81 -7.74
C ILE A 50 8.54 5.08 -8.31
N ALA A 51 9.82 5.36 -8.02
CA ALA A 51 10.49 6.53 -8.58
C ALA A 51 10.62 6.42 -10.10
N LEU A 52 11.01 5.24 -10.59
CA LEU A 52 11.08 5.04 -12.04
C LEU A 52 9.69 5.03 -12.66
N PHE A 53 8.71 4.42 -11.98
CA PHE A 53 7.36 4.41 -12.50
C PHE A 53 6.87 5.83 -12.80
N TYR A 54 6.90 6.69 -11.79
CA TYR A 54 6.51 8.08 -12.00
C TYR A 54 7.48 8.82 -12.90
N GLY A 55 8.76 8.47 -12.87
CA GLY A 55 9.73 9.20 -13.67
C GLY A 55 9.43 9.13 -15.16
N GLY A 56 8.92 8.00 -15.63
CA GLY A 56 8.52 7.91 -17.02
C GLY A 56 7.19 8.51 -17.35
N LEU A 57 6.38 8.84 -16.34
CA LEU A 57 5.05 9.38 -16.58
C LEU A 57 5.03 10.90 -16.63
N ILE A 58 5.82 11.58 -15.81
CA ILE A 58 5.74 13.03 -15.68
C ILE A 58 6.61 13.70 -16.73
N ARG A 59 6.43 15.02 -16.89
N ARG A 59 6.43 15.02 -16.90
CA ARG A 59 7.24 15.77 -17.84
CA ARG A 59 7.23 15.75 -17.86
C ARG A 59 8.72 15.63 -17.53
C ARG A 59 8.71 15.64 -17.53
N GLY A 60 9.53 15.48 -18.58
CA GLY A 60 10.95 15.30 -18.39
C GLY A 60 11.58 16.37 -17.51
N LYS A 61 11.09 17.59 -17.62
CA LYS A 61 11.67 18.69 -16.87
C LYS A 61 11.42 18.57 -15.37
N ASN A 62 10.55 17.68 -14.93
CA ASN A 62 10.26 17.53 -13.50
C ASN A 62 10.81 16.24 -12.93
N VAL A 63 11.51 15.43 -13.73
CA VAL A 63 11.96 14.13 -13.26
C VAL A 63 12.96 14.28 -12.13
N LEU A 64 13.98 15.15 -12.31
CA LEU A 64 15.06 15.19 -11.32
C LEU A 64 14.53 15.63 -9.97
N SER A 65 13.64 16.63 -9.96
CA SER A 65 13.06 17.12 -8.72
C SER A 65 12.17 16.07 -8.08
N MET A 66 11.41 15.33 -8.88
CA MET A 66 10.61 14.24 -8.30
C MET A 66 11.50 13.18 -7.67
N LEU A 67 12.58 12.79 -8.35
CA LEU A 67 13.44 11.75 -7.80
C LEU A 67 14.08 12.21 -6.49
N THR A 68 14.47 13.47 -6.42
CA THR A 68 15.03 14.03 -5.19
C THR A 68 14.01 14.00 -4.06
N GLN A 69 12.76 14.39 -4.34
CA GLN A 69 11.71 14.38 -3.33
C GLN A 69 11.36 12.97 -2.88
N VAL A 70 11.32 12.00 -3.79
CA VAL A 70 11.08 10.63 -3.39
C VAL A 70 12.22 10.13 -2.51
N THR A 71 13.46 10.46 -2.87
CA THR A 71 14.59 9.95 -2.09
C THR A 71 14.64 10.59 -0.71
N VAL A 72 14.43 11.91 -0.63
CA VAL A 72 14.56 12.60 0.65
C VAL A 72 13.40 12.27 1.56
N THR A 73 12.18 12.19 1.02
CA THR A 73 11.05 11.81 1.88
C THR A 73 11.15 10.36 2.32
N PHE A 74 11.72 9.50 1.47
CA PHE A 74 12.03 8.13 1.90
C PHE A 74 12.95 8.14 3.11
N ALA A 75 14.02 8.91 3.06
CA ALA A 75 14.92 8.99 4.22
C ALA A 75 14.17 9.50 5.44
N LEU A 76 13.32 10.51 5.26
CA LEU A 76 12.58 11.06 6.39
C LEU A 76 11.69 10.01 7.04
N VAL A 77 10.97 9.23 6.23
CA VAL A 77 10.08 8.21 6.77
C VAL A 77 10.89 7.19 7.57
N CYS A 78 12.01 6.74 7.01
CA CYS A 78 12.84 5.77 7.74
C CYS A 78 13.17 6.29 9.13
N ILE A 79 13.53 7.57 9.25
CA ILE A 79 13.96 8.11 10.53
C ILE A 79 12.76 8.25 11.46
N LEU A 80 11.67 8.85 10.98
CA LEU A 80 10.51 9.01 11.86
C LEU A 80 10.01 7.67 12.37
N TRP A 81 10.09 6.63 11.52
CA TRP A 81 9.62 5.31 11.89
C TRP A 81 10.37 4.78 13.10
N VAL A 82 11.70 4.89 13.08
CA VAL A 82 12.49 4.35 14.18
C VAL A 82 12.38 5.24 15.40
N VAL A 83 12.30 6.56 15.20
CA VAL A 83 12.26 7.45 16.34
C VAL A 83 10.98 7.23 17.14
N TYR A 84 9.83 7.18 16.47
CA TYR A 84 8.57 7.04 17.20
C TYR A 84 7.47 6.32 16.43
N GLY A 85 7.64 6.16 15.12
CA GLY A 85 6.54 5.66 14.32
C GLY A 85 6.21 4.21 14.61
N TYR A 86 7.24 3.37 14.73
CA TYR A 86 6.99 1.97 15.03
C TYR A 86 6.28 1.82 16.37
N SER A 87 6.76 2.56 17.38
CA SER A 87 6.18 2.50 18.72
C SER A 87 4.72 2.90 18.71
N LEU A 88 4.38 3.97 17.99
CA LEU A 88 3.01 4.45 17.99
C LEU A 88 2.09 3.63 17.10
N ALA A 89 2.64 2.89 16.14
CA ALA A 89 1.84 2.02 15.28
C ALA A 89 1.63 0.63 15.87
N PHE A 90 2.67 0.04 16.47
CA PHE A 90 2.59 -1.35 16.90
C PHE A 90 2.79 -1.57 18.38
N GLY A 91 3.05 -0.51 19.15
CA GLY A 91 2.95 -0.63 20.58
C GLY A 91 1.51 -0.76 21.02
N GLU A 92 1.33 -1.22 22.26
CA GLU A 92 0.00 -1.34 22.84
C GLU A 92 -0.45 0.01 23.36
N GLY A 93 -1.66 0.41 22.99
CA GLY A 93 -2.20 1.65 23.48
C GLY A 93 -3.71 1.58 23.56
N ASN A 94 -4.37 2.11 22.56
CA ASN A 94 -5.84 2.10 22.52
C ASN A 94 -6.24 1.62 21.13
N ASN A 95 -7.50 1.86 20.78
CA ASN A 95 -7.99 1.44 19.47
C ASN A 95 -7.37 2.22 18.32
N PHE A 96 -6.73 3.36 18.59
CA PHE A 96 -6.34 4.27 17.51
C PHE A 96 -4.84 4.50 17.40
N PHE A 97 -4.09 4.43 18.48
CA PHE A 97 -2.64 4.48 18.37
C PHE A 97 -2.03 3.69 19.52
N GLY A 98 -0.73 3.43 19.40
CA GLY A 98 -0.02 2.69 20.44
C GLY A 98 0.49 3.57 21.56
N ASN A 99 1.81 3.58 21.76
CA ASN A 99 2.41 4.34 22.85
C ASN A 99 3.78 4.89 22.40
N ILE A 100 4.52 5.45 23.35
CA ILE A 100 5.86 5.96 23.08
C ILE A 100 6.87 5.25 23.97
N ASN A 101 6.62 3.99 24.28
CA ASN A 101 7.55 3.19 25.08
C ASN A 101 8.69 2.60 24.26
N TRP A 102 8.63 2.67 22.93
CA TRP A 102 9.64 2.15 22.02
C TRP A 102 10.25 3.27 21.16
N LEU A 103 10.49 4.44 21.77
CA LEU A 103 11.15 5.53 21.06
C LEU A 103 12.60 5.16 20.77
N MET A 104 13.02 5.34 19.52
CA MET A 104 14.33 4.87 19.07
C MET A 104 14.53 3.39 19.43
N LEU A 105 13.43 2.64 19.50
CA LEU A 105 13.42 1.20 19.77
C LEU A 105 13.99 0.86 21.15
N LYS A 106 13.94 1.82 22.06
CA LYS A 106 14.33 1.51 23.43
C LYS A 106 13.36 0.50 24.03
N ASN A 107 13.86 -0.27 24.97
CA ASN A 107 13.11 -1.33 25.64
C ASN A 107 12.76 -2.48 24.71
N ILE A 108 13.27 -2.48 23.49
CA ILE A 108 13.21 -3.65 22.62
C ILE A 108 14.57 -4.31 22.69
N GLU A 109 14.67 -5.42 23.41
N GLU A 109 14.67 -5.41 23.42
CA GLU A 109 15.90 -6.18 23.43
CA GLU A 109 15.90 -6.18 23.43
C GLU A 109 16.21 -6.71 22.03
C GLU A 109 16.21 -6.67 22.02
N LEU A 110 17.50 -6.82 21.73
CA LEU A 110 17.90 -7.28 20.40
C LEU A 110 17.35 -8.67 20.10
N THR A 111 17.33 -9.55 21.09
CA THR A 111 16.83 -10.91 20.93
C THR A 111 15.32 -11.01 21.16
N ALA A 112 14.62 -9.89 21.28
CA ALA A 112 13.17 -9.94 21.44
C ALA A 112 12.52 -10.51 20.18
N VAL A 113 11.51 -11.35 20.37
CA VAL A 113 10.85 -12.10 19.31
C VAL A 113 9.41 -11.60 19.18
N MET A 114 8.98 -11.39 17.94
CA MET A 114 7.60 -11.04 17.62
C MET A 114 7.09 -12.09 16.63
N GLY A 115 6.11 -12.88 17.02
CA GLY A 115 5.68 -13.96 16.14
C GLY A 115 6.74 -15.03 16.07
N SER A 116 7.43 -15.19 14.93
CA SER A 116 8.48 -16.20 14.84
C SER A 116 9.80 -15.60 14.36
N ILE A 117 9.93 -14.28 14.39
CA ILE A 117 11.12 -13.57 13.96
C ILE A 117 11.53 -12.57 15.04
N TYR A 118 12.79 -12.14 14.97
CA TYR A 118 13.24 -11.08 15.87
C TYR A 118 12.45 -9.81 15.58
N GLN A 119 12.07 -9.12 16.66
CA GLN A 119 11.23 -7.93 16.54
C GLN A 119 11.91 -6.85 15.70
N TYR A 120 13.25 -6.79 15.73
CA TYR A 120 13.95 -5.82 14.88
C TYR A 120 13.59 -5.99 13.42
N ILE A 121 13.40 -7.25 12.97
CA ILE A 121 13.04 -7.50 11.57
C ILE A 121 11.62 -7.03 11.30
N HIS A 122 10.72 -7.20 12.28
CA HIS A 122 9.37 -6.66 12.18
C HIS A 122 9.39 -5.14 12.07
N VAL A 123 10.26 -4.48 12.83
CA VAL A 123 10.38 -3.04 12.72
C VAL A 123 10.72 -2.65 11.29
N ALA A 124 11.72 -3.33 10.71
CA ALA A 124 12.15 -2.98 9.36
C ALA A 124 11.07 -3.32 8.33
N PHE A 125 10.48 -4.51 8.43
CA PHE A 125 9.48 -4.90 7.46
C PHE A 125 8.32 -3.90 7.47
N GLN A 126 7.83 -3.55 8.66
CA GLN A 126 6.68 -2.65 8.71
C GLN A 126 7.08 -1.23 8.33
N GLY A 127 8.32 -0.83 8.61
CA GLY A 127 8.78 0.46 8.16
C GLY A 127 8.82 0.58 6.64
N SER A 128 9.17 -0.52 5.97
CA SER A 128 9.25 -0.49 4.52
C SER A 128 7.88 -0.25 3.88
N PHE A 129 6.80 -0.71 4.54
CA PHE A 129 5.44 -0.42 4.09
C PHE A 129 5.11 1.06 4.21
N ALA A 130 5.50 1.69 5.32
CA ALA A 130 5.33 3.14 5.42
C ALA A 130 6.04 3.85 4.27
N CYS A 131 7.22 3.35 3.90
CA CYS A 131 8.00 4.01 2.86
C CYS A 131 7.29 3.95 1.52
N ILE A 132 6.77 2.78 1.14
CA ILE A 132 6.18 2.72 -0.19
C ILE A 132 4.88 3.51 -0.21
N THR A 133 4.17 3.56 0.91
CA THR A 133 2.92 4.33 0.97
C THR A 133 3.19 5.80 0.71
N VAL A 134 4.22 6.34 1.34
CA VAL A 134 4.57 7.74 1.14
C VAL A 134 5.14 7.94 -0.26
N GLY A 135 5.92 6.98 -0.77
CA GLY A 135 6.44 7.11 -2.12
C GLY A 135 5.34 7.24 -3.16
N LEU A 136 4.22 6.53 -2.93
CA LEU A 136 3.09 6.62 -3.85
C LEU A 136 2.52 8.03 -3.90
N ILE A 137 2.48 8.72 -2.77
CA ILE A 137 1.97 10.08 -2.72
C ILE A 137 2.97 11.06 -3.30
N VAL A 138 4.20 11.03 -2.78
CA VAL A 138 5.19 12.04 -3.17
C VAL A 138 5.51 11.93 -4.65
N GLY A 139 5.67 10.72 -5.16
CA GLY A 139 6.00 10.58 -6.56
C GLY A 139 4.97 11.24 -7.45
N ALA A 140 3.69 11.14 -7.08
CA ALA A 140 2.62 11.63 -7.93
C ALA A 140 2.45 13.14 -7.84
N LEU A 141 2.76 13.73 -6.69
CA LEU A 141 2.51 15.14 -6.45
C LEU A 141 3.77 16.01 -6.49
N ALA A 142 4.97 15.41 -6.57
CA ALA A 142 6.20 16.19 -6.54
C ALA A 142 6.22 17.24 -7.64
N GLU A 143 5.60 16.95 -8.78
CA GLU A 143 5.56 17.91 -9.88
C GLU A 143 5.05 19.26 -9.42
N ARG A 144 3.99 19.28 -8.61
CA ARG A 144 3.22 20.49 -8.36
C ARG A 144 3.42 21.08 -6.98
N ILE A 145 3.92 20.32 -6.04
CA ILE A 145 3.99 20.75 -4.65
C ILE A 145 5.39 21.27 -4.37
N ARG A 146 5.46 22.28 -3.51
CA ARG A 146 6.74 22.82 -3.07
C ARG A 146 7.49 21.82 -2.20
N PHE A 147 8.81 21.87 -2.28
CA PHE A 147 9.64 20.85 -1.64
C PHE A 147 9.53 20.90 -0.12
N SER A 148 9.69 22.08 0.49
CA SER A 148 9.51 22.18 1.93
C SER A 148 8.09 21.81 2.35
N ALA A 149 7.11 22.08 1.50
CA ALA A 149 5.72 21.74 1.83
C ALA A 149 5.49 20.23 1.83
N VAL A 150 6.16 19.50 0.94
CA VAL A 150 5.99 18.04 0.94
C VAL A 150 6.56 17.44 2.21
N LEU A 151 7.65 18.01 2.73
CA LEU A 151 8.23 17.46 3.95
C LEU A 151 7.29 17.67 5.13
N ILE A 152 6.72 18.87 5.23
CA ILE A 152 5.72 19.12 6.26
C ILE A 152 4.56 18.15 6.12
N PHE A 153 4.07 17.99 4.89
CA PHE A 153 2.92 17.12 4.68
C PHE A 153 3.24 15.69 5.10
N VAL A 154 4.44 15.20 4.74
CA VAL A 154 4.81 13.83 5.07
C VAL A 154 4.81 13.63 6.59
N VAL A 155 5.39 14.57 7.33
CA VAL A 155 5.39 14.43 8.78
C VAL A 155 3.96 14.34 9.28
N VAL A 156 3.12 15.30 8.89
CA VAL A 156 1.75 15.34 9.40
C VAL A 156 1.01 14.05 9.06
N TRP A 157 1.05 13.65 7.79
CA TRP A 157 0.21 12.55 7.33
C TRP A 157 0.74 11.20 7.78
N LEU A 158 2.07 11.02 7.83
CA LEU A 158 2.61 9.78 8.35
C LEU A 158 2.23 9.62 9.82
N THR A 159 2.37 10.70 10.58
CA THR A 159 2.19 10.58 12.02
C THR A 159 0.72 10.45 12.39
N LEU A 160 -0.19 11.09 11.66
CA LEU A 160 -1.58 11.17 12.05
C LEU A 160 -2.51 10.35 11.17
N SER A 161 -2.04 9.84 10.03
CA SER A 161 -2.86 8.98 9.19
C SER A 161 -2.25 7.61 9.00
N TYR A 162 -1.02 7.49 8.51
CA TYR A 162 -0.49 6.14 8.30
C TYR A 162 -0.38 5.38 9.62
N ILE A 163 0.17 6.00 10.64
CA ILE A 163 0.45 5.30 11.89
C ILE A 163 -0.87 4.89 12.58
N PRO A 164 -1.85 5.77 12.76
CA PRO A 164 -3.09 5.31 13.40
C PRO A 164 -3.80 4.24 12.60
N ILE A 165 -3.84 4.38 11.27
CA ILE A 165 -4.51 3.38 10.44
C ILE A 165 -3.78 2.05 10.51
N ALA A 166 -2.44 2.06 10.48
CA ALA A 166 -1.69 0.81 10.68
C ALA A 166 -1.97 0.20 12.04
N HIS A 167 -2.07 1.03 13.08
CA HIS A 167 -2.42 0.49 14.39
C HIS A 167 -3.81 -0.14 14.38
N MET A 168 -4.78 0.53 13.75
CA MET A 168 -6.16 0.06 13.77
C MET A 168 -6.31 -1.27 13.04
N VAL A 169 -5.51 -1.53 12.02
CA VAL A 169 -5.66 -2.69 11.17
C VAL A 169 -4.70 -3.81 11.56
N TRP A 170 -3.42 -3.47 11.80
CA TRP A 170 -2.38 -4.45 12.05
C TRP A 170 -1.78 -4.35 13.45
N GLY A 171 -2.17 -3.35 14.23
CA GLY A 171 -1.61 -3.15 15.54
C GLY A 171 -2.58 -3.43 16.66
N GLY A 172 -3.60 -4.24 16.37
CA GLY A 172 -4.58 -4.64 17.38
C GLY A 172 -5.62 -3.59 17.70
N GLY A 173 -5.77 -2.56 16.87
CA GLY A 173 -6.68 -1.47 17.14
C GLY A 173 -8.07 -1.71 16.60
N LEU A 174 -8.78 -0.60 16.32
CA LEU A 174 -10.23 -0.64 16.16
C LEU A 174 -10.66 -1.65 15.09
N LEU A 175 -10.06 -1.60 13.92
CA LEU A 175 -10.55 -2.42 12.82
C LEU A 175 -10.16 -3.89 13.00
N ALA A 176 -8.97 -4.16 13.55
CA ALA A 176 -8.59 -5.53 13.85
C ALA A 176 -9.54 -6.16 14.87
N SER A 177 -9.96 -5.39 15.88
N SER A 177 -9.95 -5.39 15.89
CA SER A 177 -10.82 -5.91 16.93
CA SER A 177 -10.82 -5.94 16.92
C SER A 177 -12.23 -6.24 16.42
C SER A 177 -12.16 -6.38 16.33
N HIS A 178 -12.60 -5.75 15.26
CA HIS A 178 -13.86 -6.11 14.62
C HIS A 178 -13.68 -7.16 13.52
N GLY A 179 -12.47 -7.67 13.33
CA GLY A 179 -12.23 -8.76 12.40
C GLY A 179 -12.07 -8.35 10.95
N ALA A 180 -11.51 -7.18 10.68
CA ALA A 180 -11.31 -6.75 9.31
C ALA A 180 -10.23 -7.59 8.66
N LEU A 181 -10.47 -8.01 7.41
CA LEU A 181 -9.53 -8.81 6.66
C LEU A 181 -8.77 -7.91 5.70
N ASP A 182 -7.46 -7.77 5.93
CA ASP A 182 -6.61 -7.01 5.02
C ASP A 182 -5.20 -7.57 5.17
N PHE A 183 -4.84 -8.51 4.29
CA PHE A 183 -3.62 -9.26 4.51
C PHE A 183 -2.38 -8.37 4.40
N ALA A 184 -2.29 -7.57 3.34
CA ALA A 184 -1.06 -6.82 3.08
C ALA A 184 -1.30 -5.33 2.82
N GLY A 185 -2.50 -4.81 3.07
CA GLY A 185 -2.67 -3.37 3.16
C GLY A 185 -3.48 -2.70 2.08
N GLY A 186 -4.59 -3.32 1.67
CA GLY A 186 -5.51 -2.62 0.79
C GLY A 186 -5.95 -1.29 1.36
N THR A 187 -6.18 -1.24 2.68
CA THR A 187 -6.55 0.01 3.34
C THR A 187 -5.32 0.77 3.81
N VAL A 188 -4.48 0.11 4.62
CA VAL A 188 -3.34 0.80 5.23
C VAL A 188 -2.48 1.46 4.16
N VAL A 189 -2.22 0.76 3.06
CA VAL A 189 -1.30 1.29 2.06
C VAL A 189 -2.05 1.97 0.92
N HIS A 190 -2.88 1.22 0.19
CA HIS A 190 -3.37 1.69 -1.10
C HIS A 190 -4.49 2.72 -0.99
N ILE A 191 -5.56 2.41 -0.27
CA ILE A 191 -6.63 3.40 -0.15
C ILE A 191 -6.14 4.63 0.60
N ASN A 192 -5.44 4.40 1.71
CA ASN A 192 -4.87 5.49 2.49
C ASN A 192 -4.12 6.49 1.60
N ALA A 193 -3.21 5.99 0.77
CA ALA A 193 -2.38 6.88 -0.04
C ALA A 193 -3.16 7.47 -1.20
N ALA A 194 -4.06 6.68 -1.80
CA ALA A 194 -4.86 7.20 -2.91
C ALA A 194 -5.69 8.40 -2.48
N ILE A 195 -6.27 8.35 -1.28
CA ILE A 195 -7.09 9.46 -0.84
C ILE A 195 -6.20 10.67 -0.56
N ALA A 196 -5.05 10.45 0.06
CA ALA A 196 -4.12 11.55 0.29
C ALA A 196 -3.72 12.19 -1.03
N GLY A 197 -3.50 11.37 -2.07
CA GLY A 197 -3.18 11.90 -3.37
C GLY A 197 -4.28 12.75 -3.96
N LEU A 198 -5.53 12.30 -3.84
CA LEU A 198 -6.63 13.05 -4.42
C LEU A 198 -6.83 14.38 -3.72
N VAL A 199 -6.80 14.37 -2.39
CA VAL A 199 -6.92 15.64 -1.68
C VAL A 199 -5.84 16.60 -2.16
N GLY A 200 -4.60 16.10 -2.27
CA GLY A 200 -3.52 16.95 -2.76
C GLY A 200 -3.82 17.54 -4.13
N ALA A 201 -4.23 16.68 -5.07
CA ALA A 201 -4.51 17.15 -6.42
C ALA A 201 -5.65 18.16 -6.44
N TYR A 202 -6.68 17.93 -5.63
CA TYR A 202 -7.79 18.88 -5.57
C TYR A 202 -7.31 20.25 -5.07
N LEU A 203 -6.39 20.25 -4.11
CA LEU A 203 -5.90 21.52 -3.58
C LEU A 203 -4.87 22.17 -4.49
N ILE A 204 -4.10 21.37 -5.23
CA ILE A 204 -3.06 21.88 -6.12
C ILE A 204 -3.46 21.50 -7.54
N GLY A 205 -4.18 22.38 -8.21
CA GLY A 205 -4.65 22.12 -9.55
C GLY A 205 -3.56 22.17 -10.61
N LYS A 216 1.38 13.24 -22.35
CA LYS A 216 1.63 11.81 -22.52
C LYS A 216 3.01 11.43 -21.98
N PRO A 217 3.13 10.22 -21.42
CA PRO A 217 4.41 9.80 -20.85
C PRO A 217 5.56 9.92 -21.84
N HIS A 218 6.73 10.34 -21.34
CA HIS A 218 7.89 10.59 -22.19
C HIS A 218 8.88 9.43 -22.21
N ASN A 219 8.82 8.49 -21.24
CA ASN A 219 9.75 7.38 -21.19
C ASN A 219 9.00 6.15 -20.68
N LEU A 220 8.24 5.53 -21.58
CA LEU A 220 7.44 4.36 -21.29
C LEU A 220 8.33 3.16 -20.98
N PRO A 221 9.49 3.02 -21.61
CA PRO A 221 10.42 1.97 -21.16
C PRO A 221 10.77 2.13 -19.69
N MET A 222 10.91 3.37 -19.21
CA MET A 222 11.17 3.59 -17.79
C MET A 222 9.94 3.25 -16.95
N VAL A 223 8.74 3.61 -17.42
CA VAL A 223 7.53 3.21 -16.72
C VAL A 223 7.47 1.70 -16.60
N PHE A 224 7.79 0.99 -17.67
CA PHE A 224 7.74 -0.47 -17.63
C PHE A 224 8.75 -1.03 -16.64
N THR A 225 9.94 -0.43 -16.60
CA THR A 225 10.96 -0.89 -15.67
C THR A 225 10.52 -0.69 -14.23
N GLY A 226 9.96 0.47 -13.93
CA GLY A 226 9.44 0.71 -12.60
C GLY A 226 8.33 -0.28 -12.25
N THR A 227 7.40 -0.48 -13.19
CA THR A 227 6.32 -1.45 -12.99
C THR A 227 6.86 -2.83 -12.66
N ALA A 228 7.87 -3.27 -13.42
CA ALA A 228 8.46 -4.59 -13.20
C ALA A 228 9.10 -4.69 -11.82
N ILE A 229 9.81 -3.65 -11.39
CA ILE A 229 10.42 -3.66 -10.06
C ILE A 229 9.34 -3.67 -9.00
N LEU A 230 8.29 -2.91 -9.20
CA LEU A 230 7.19 -2.95 -8.24
C LEU A 230 6.61 -4.37 -8.16
N TYR A 231 6.53 -5.06 -9.31
CA TYR A 231 5.98 -6.41 -9.34
C TYR A 231 6.84 -7.39 -8.55
N ILE A 232 8.15 -7.41 -8.83
CA ILE A 232 9.04 -8.33 -8.13
C ILE A 232 9.06 -8.01 -6.63
N GLY A 233 9.15 -6.74 -6.27
CA GLY A 233 9.16 -6.39 -4.86
C GLY A 233 7.86 -6.73 -4.14
N TRP A 234 6.75 -6.72 -4.87
CA TRP A 234 5.44 -7.00 -4.29
C TRP A 234 5.31 -8.43 -3.78
N PHE A 235 6.15 -9.35 -4.26
CA PHE A 235 6.13 -10.70 -3.67
C PHE A 235 6.63 -10.67 -2.24
N GLY A 236 7.65 -9.85 -1.97
CA GLY A 236 8.05 -9.64 -0.59
C GLY A 236 6.97 -8.95 0.20
N PHE A 237 6.24 -8.05 -0.46
CA PHE A 237 5.18 -7.29 0.18
C PHE A 237 4.03 -8.19 0.57
N ASN A 238 3.55 -8.99 -0.38
CA ASN A 238 2.41 -9.85 -0.14
C ASN A 238 2.80 -11.09 0.66
N ALA A 239 3.78 -11.86 0.18
CA ALA A 239 4.11 -13.08 0.88
C ALA A 239 4.72 -12.80 2.25
N GLY A 240 5.56 -11.77 2.35
CA GLY A 240 6.14 -11.44 3.65
C GLY A 240 5.11 -11.09 4.69
N SER A 241 3.90 -10.69 4.26
CA SER A 241 2.87 -10.33 5.24
C SER A 241 2.37 -11.54 6.02
N ALA A 242 2.73 -12.76 5.62
CA ALA A 242 2.46 -13.93 6.45
C ALA A 242 3.34 -13.96 7.69
N GLY A 243 4.45 -13.25 7.69
CA GLY A 243 5.35 -13.24 8.82
C GLY A 243 6.18 -14.49 8.97
N THR A 244 6.09 -15.42 8.02
CA THR A 244 6.76 -16.72 8.11
C THR A 244 6.70 -17.38 6.74
N ALA A 245 7.69 -18.24 6.46
CA ALA A 245 7.75 -18.95 5.17
C ALA A 245 6.92 -20.24 5.26
N ASN A 246 5.60 -20.07 5.37
CA ASN A 246 4.70 -21.22 5.55
C ASN A 246 3.77 -21.36 4.35
N GLU A 247 2.69 -22.12 4.50
CA GLU A 247 1.77 -22.33 3.40
C GLU A 247 0.95 -21.09 3.06
N ILE A 248 0.79 -20.17 4.02
CA ILE A 248 0.06 -18.95 3.74
C ILE A 248 0.92 -18.00 2.90
N ALA A 249 2.21 -17.94 3.21
CA ALA A 249 3.14 -17.22 2.35
C ALA A 249 3.10 -17.78 0.93
N ALA A 250 3.10 -19.10 0.80
CA ALA A 250 3.04 -19.74 -0.51
C ALA A 250 1.74 -19.41 -1.24
N LEU A 251 0.62 -19.50 -0.53
CA LEU A 251 -0.67 -19.09 -1.07
C LEU A 251 -0.62 -17.65 -1.56
N ALA A 252 -0.13 -16.75 -0.71
CA ALA A 252 -0.10 -15.35 -1.11
C ALA A 252 0.79 -15.16 -2.34
N PHE A 253 1.89 -15.92 -2.40
CA PHE A 253 2.78 -15.83 -3.55
C PHE A 253 2.06 -16.24 -4.83
N VAL A 254 1.41 -17.40 -4.80
CA VAL A 254 0.73 -17.86 -6.01
C VAL A 254 -0.40 -16.90 -6.37
N ASN A 255 -1.19 -16.47 -5.38
CA ASN A 255 -2.30 -15.58 -5.70
C ASN A 255 -1.80 -14.28 -6.30
N THR A 256 -0.62 -13.83 -5.91
CA THR A 256 -0.06 -12.62 -6.47
C THR A 256 0.30 -12.82 -7.94
N VAL A 257 0.85 -13.98 -8.28
CA VAL A 257 1.13 -14.26 -9.69
C VAL A 257 -0.16 -14.26 -10.49
N VAL A 258 -1.16 -14.99 -10.00
CA VAL A 258 -2.41 -15.17 -10.75
C VAL A 258 -3.18 -13.85 -10.88
N ALA A 259 -3.38 -13.14 -9.78
CA ALA A 259 -4.17 -11.91 -9.85
C ALA A 259 -3.53 -10.90 -10.79
N THR A 260 -2.21 -10.77 -10.74
CA THR A 260 -1.52 -9.82 -11.60
C THR A 260 -1.73 -10.17 -13.05
N ALA A 261 -1.53 -11.45 -13.38
CA ALA A 261 -1.68 -11.90 -14.75
C ALA A 261 -3.09 -11.67 -15.24
N ALA A 262 -4.09 -11.96 -14.39
CA ALA A 262 -5.48 -11.83 -14.82
C ALA A 262 -5.89 -10.37 -14.99
N ALA A 263 -5.33 -9.47 -14.20
CA ALA A 263 -5.67 -8.06 -14.33
C ALA A 263 -5.00 -7.47 -15.55
N ILE A 264 -3.80 -7.95 -15.91
CA ILE A 264 -3.19 -7.54 -17.16
C ILE A 264 -4.10 -7.92 -18.33
N LEU A 265 -4.56 -9.18 -18.34
CA LEU A 265 -5.42 -9.64 -19.42
C LEU A 265 -6.76 -8.92 -19.40
N GLY A 266 -7.32 -8.69 -18.21
CA GLY A 266 -8.58 -7.95 -18.12
C GLY A 266 -8.45 -6.53 -18.65
N TRP A 267 -7.43 -5.81 -18.19
CA TRP A 267 -7.23 -4.43 -18.64
C TRP A 267 -7.04 -4.41 -20.15
N ILE A 268 -6.21 -5.31 -20.66
CA ILE A 268 -5.83 -5.30 -22.06
C ILE A 268 -7.02 -5.69 -22.93
N PHE A 269 -7.84 -6.63 -22.47
CA PHE A 269 -9.06 -6.92 -23.21
C PHE A 269 -9.98 -5.70 -23.26
N GLY A 270 -10.12 -4.99 -22.14
CA GLY A 270 -11.00 -3.83 -22.15
C GLY A 270 -10.45 -2.70 -23.01
N GLU A 271 -9.14 -2.57 -23.05
CA GLU A 271 -8.49 -1.59 -23.91
C GLU A 271 -8.65 -1.97 -25.38
N TRP A 272 -8.50 -3.26 -25.70
CA TRP A 272 -8.72 -3.69 -27.07
C TRP A 272 -10.15 -3.38 -27.49
N ALA A 273 -11.10 -3.62 -26.60
CA ALA A 273 -12.51 -3.43 -26.94
C ALA A 273 -12.87 -1.94 -27.02
N LEU A 274 -12.31 -1.13 -26.13
CA LEU A 274 -12.65 0.28 -26.02
C LEU A 274 -11.85 1.16 -26.98
N ARG A 275 -10.54 0.90 -27.11
CA ARG A 275 -9.64 1.71 -27.92
C ARG A 275 -9.15 1.02 -29.17
N GLY A 276 -9.45 -0.26 -29.35
CA GLY A 276 -9.08 -0.94 -30.58
C GLY A 276 -7.75 -1.66 -30.55
N LYS A 277 -6.90 -1.39 -29.54
CA LYS A 277 -5.59 -2.02 -29.46
C LYS A 277 -5.10 -1.92 -28.03
N PRO A 278 -4.27 -2.87 -27.59
CA PRO A 278 -3.61 -2.71 -26.30
C PRO A 278 -2.46 -1.71 -26.41
N SER A 279 -2.02 -1.25 -25.24
CA SER A 279 -0.89 -0.34 -25.13
C SER A 279 0.01 -0.79 -23.99
N LEU A 280 1.26 -0.34 -24.02
CA LEU A 280 2.19 -0.71 -22.96
C LEU A 280 1.75 -0.12 -21.63
N LEU A 281 1.34 1.15 -21.62
CA LEU A 281 0.87 1.76 -20.39
C LEU A 281 -0.34 1.02 -19.84
N GLY A 282 -1.24 0.57 -20.73
CA GLY A 282 -2.35 -0.25 -20.29
C GLY A 282 -1.88 -1.53 -19.62
N ALA A 283 -0.95 -2.24 -20.26
CA ALA A 283 -0.50 -3.49 -19.67
C ALA A 283 0.15 -3.26 -18.30
N CYS A 284 0.97 -2.22 -18.16
CA CYS A 284 1.57 -1.94 -16.87
C CYS A 284 0.51 -1.55 -15.85
N SER A 285 -0.47 -0.74 -16.26
CA SER A 285 -1.52 -0.32 -15.35
C SER A 285 -2.34 -1.51 -14.90
N GLY A 286 -2.64 -2.44 -15.82
CA GLY A 286 -3.35 -3.64 -15.43
C GLY A 286 -2.59 -4.44 -14.39
N ALA A 287 -1.28 -4.58 -14.58
CA ALA A 287 -0.46 -5.27 -13.59
C ALA A 287 -0.64 -4.64 -12.23
N ILE A 288 -0.51 -3.31 -12.16
CA ILE A 288 -0.64 -2.62 -10.89
C ILE A 288 -2.04 -2.82 -10.33
N ALA A 289 -3.05 -2.77 -11.19
CA ALA A 289 -4.42 -2.96 -10.73
C ALA A 289 -4.59 -4.31 -10.05
N GLY A 290 -4.02 -5.37 -10.62
CA GLY A 290 -4.15 -6.69 -10.03
C GLY A 290 -3.35 -6.83 -8.75
N LEU A 291 -2.18 -6.21 -8.70
CA LEU A 291 -1.36 -6.22 -7.50
C LEU A 291 -2.08 -5.52 -6.34
N VAL A 292 -2.70 -4.38 -6.64
CA VAL A 292 -3.45 -3.65 -5.62
C VAL A 292 -4.67 -4.45 -5.18
N GLY A 293 -5.43 -4.98 -6.14
CA GLY A 293 -6.64 -5.70 -5.79
C GLY A 293 -6.39 -6.91 -4.93
N VAL A 294 -5.29 -7.62 -5.18
CA VAL A 294 -5.01 -8.84 -4.44
C VAL A 294 -4.29 -8.58 -3.12
N THR A 295 -3.76 -7.37 -2.92
CA THR A 295 -3.08 -7.04 -1.68
C THR A 295 -3.86 -7.39 -0.43
N PRO A 296 -5.12 -6.97 -0.26
CA PRO A 296 -5.85 -7.33 0.96
C PRO A 296 -6.24 -8.78 1.01
N ALA A 297 -6.30 -9.44 -0.14
CA ALA A 297 -6.90 -10.74 -0.25
C ALA A 297 -5.92 -11.90 -0.29
N CYS A 298 -4.64 -11.64 -0.60
CA CYS A 298 -3.79 -12.71 -1.13
C CYS A 298 -3.65 -13.88 -0.17
N GLY A 299 -3.59 -13.60 1.12
CA GLY A 299 -3.43 -14.64 2.11
C GLY A 299 -4.70 -15.29 2.55
N TYR A 300 -5.85 -14.90 2.00
CA TYR A 300 -7.14 -15.39 2.47
C TYR A 300 -7.95 -16.14 1.43
N ILE A 301 -7.60 -16.06 0.15
CA ILE A 301 -8.45 -16.53 -0.93
C ILE A 301 -7.81 -17.73 -1.60
N GLY A 302 -8.64 -18.45 -2.39
CA GLY A 302 -8.15 -19.47 -3.29
C GLY A 302 -7.68 -18.90 -4.61
N VAL A 303 -7.02 -19.76 -5.38
N VAL A 303 -7.00 -19.75 -5.37
CA VAL A 303 -6.44 -19.30 -6.63
CA VAL A 303 -6.44 -19.29 -6.64
C VAL A 303 -7.54 -18.95 -7.63
C VAL A 303 -7.55 -18.93 -7.61
N GLY A 304 -8.71 -19.59 -7.51
CA GLY A 304 -9.85 -19.19 -8.33
C GLY A 304 -10.34 -17.79 -8.00
N GLY A 305 -10.37 -17.46 -6.71
CA GLY A 305 -10.72 -16.10 -6.30
C GLY A 305 -9.70 -15.08 -6.76
N ALA A 306 -8.41 -15.45 -6.75
CA ALA A 306 -7.38 -14.54 -7.20
C ALA A 306 -7.55 -14.23 -8.69
N LEU A 307 -7.92 -15.22 -9.48
CA LEU A 307 -8.14 -14.98 -10.89
C LEU A 307 -9.31 -14.04 -11.09
N ILE A 308 -10.40 -14.25 -10.34
CA ILE A 308 -11.58 -13.40 -10.48
C ILE A 308 -11.30 -12.00 -9.98
N ILE A 309 -10.64 -11.87 -8.83
CA ILE A 309 -10.31 -10.54 -8.33
C ILE A 309 -9.40 -9.81 -9.32
N GLY A 310 -8.44 -10.53 -9.91
CA GLY A 310 -7.56 -9.91 -10.88
C GLY A 310 -8.30 -9.33 -12.07
N VAL A 311 -9.19 -10.13 -12.68
CA VAL A 311 -9.97 -9.66 -13.81
C VAL A 311 -10.80 -8.44 -13.43
N VAL A 312 -11.51 -8.53 -12.30
CA VAL A 312 -12.37 -7.42 -11.88
C VAL A 312 -11.55 -6.17 -11.63
N ALA A 313 -10.44 -6.34 -10.91
CA ALA A 313 -9.58 -5.19 -10.62
C ALA A 313 -9.05 -4.56 -11.89
N GLY A 314 -8.56 -5.37 -12.83
CA GLY A 314 -8.07 -4.83 -14.09
C GLY A 314 -9.12 -4.01 -14.82
N LEU A 315 -10.36 -4.51 -14.83
CA LEU A 315 -11.44 -3.80 -15.51
C LEU A 315 -11.91 -2.58 -14.72
N ALA A 316 -11.99 -2.70 -13.40
CA ALA A 316 -12.34 -1.55 -12.57
C ALA A 316 -11.28 -0.47 -12.64
N GLY A 317 -10.01 -0.86 -12.70
CA GLY A 317 -8.95 0.10 -12.90
C GLY A 317 -9.10 0.84 -14.22
N LEU A 318 -9.28 0.08 -15.31
CA LEU A 318 -9.48 0.70 -16.61
C LEU A 318 -10.64 1.68 -16.54
N TRP A 319 -11.77 1.24 -15.97
CA TRP A 319 -12.90 2.14 -15.80
C TRP A 319 -12.53 3.35 -14.95
N GLY A 320 -11.76 3.13 -13.89
CA GLY A 320 -11.42 4.23 -12.99
C GLY A 320 -10.64 5.33 -13.68
N VAL A 321 -9.60 4.97 -14.43
CA VAL A 321 -8.80 5.99 -15.10
C VAL A 321 -9.56 6.57 -16.29
N THR A 322 -10.57 5.85 -16.80
CA THR A 322 -11.37 6.38 -17.91
C THR A 322 -12.45 7.34 -17.41
N MET A 323 -13.45 6.81 -16.70
CA MET A 323 -14.60 7.63 -16.32
C MET A 323 -14.25 8.61 -15.21
N LEU A 324 -13.51 8.16 -14.20
CA LEU A 324 -13.15 9.03 -13.07
C LEU A 324 -11.99 9.94 -13.41
N LYS A 325 -11.91 10.40 -14.65
CA LYS A 325 -10.85 11.29 -15.09
C LYS A 325 -11.39 12.26 -16.14
N ASP A 331 -9.19 15.57 -10.85
CA ASP A 331 -8.66 15.28 -9.53
C ASP A 331 -7.96 13.93 -9.46
N ASP A 332 -6.89 13.74 -10.22
CA ASP A 332 -6.18 12.46 -10.21
C ASP A 332 -4.73 12.64 -10.64
N PRO A 333 -3.80 12.93 -9.72
CA PRO A 333 -2.42 13.23 -10.10
C PRO A 333 -1.70 11.96 -10.50
N CYS A 334 -1.45 11.80 -11.79
CA CYS A 334 -0.85 10.58 -12.33
C CYS A 334 -1.68 9.34 -12.00
N ASP A 335 -2.98 9.53 -11.78
CA ASP A 335 -3.91 8.42 -11.53
C ASP A 335 -3.48 7.61 -10.30
N VAL A 336 -3.46 8.30 -9.16
CA VAL A 336 -3.24 7.60 -7.89
C VAL A 336 -4.49 6.81 -7.52
N PHE A 337 -5.62 7.50 -7.41
CA PHE A 337 -6.87 6.84 -7.02
C PHE A 337 -7.41 5.98 -8.16
N GLY A 338 -7.20 6.41 -9.40
CA GLY A 338 -7.76 5.67 -10.51
C GLY A 338 -7.47 4.20 -10.43
N VAL A 339 -6.35 3.83 -9.82
CA VAL A 339 -5.97 2.43 -9.71
C VAL A 339 -5.86 2.04 -8.26
N HIS A 340 -5.05 2.75 -7.47
CA HIS A 340 -4.83 2.34 -6.09
C HIS A 340 -6.09 2.48 -5.25
N GLY A 341 -6.88 3.51 -5.50
CA GLY A 341 -8.09 3.75 -4.76
C GLY A 341 -9.19 2.79 -5.18
N VAL A 342 -9.53 2.82 -6.47
CA VAL A 342 -10.60 1.96 -6.96
C VAL A 342 -10.26 0.49 -6.72
N CYS A 343 -9.10 0.06 -7.20
CA CYS A 343 -8.75 -1.35 -7.04
C CYS A 343 -8.55 -1.72 -5.59
N GLY A 344 -8.07 -0.78 -4.76
CA GLY A 344 -8.00 -1.05 -3.33
C GLY A 344 -9.36 -1.31 -2.73
N ILE A 345 -10.35 -0.50 -3.10
CA ILE A 345 -11.70 -0.70 -2.61
C ILE A 345 -12.26 -2.03 -3.10
N VAL A 346 -12.07 -2.32 -4.39
CA VAL A 346 -12.60 -3.55 -4.95
C VAL A 346 -11.99 -4.76 -4.26
N GLY A 347 -10.68 -4.74 -4.08
CA GLY A 347 -10.02 -5.85 -3.42
C GLY A 347 -10.48 -6.04 -1.99
N CYS A 348 -10.62 -4.95 -1.24
CA CYS A 348 -11.04 -5.06 0.15
C CYS A 348 -12.45 -5.63 0.25
N ILE A 349 -13.34 -5.20 -0.64
CA ILE A 349 -14.68 -5.75 -0.67
C ILE A 349 -14.66 -7.21 -1.07
N MET A 350 -13.96 -7.53 -2.17
N MET A 350 -13.98 -7.52 -2.18
CA MET A 350 -13.99 -8.91 -2.64
CA MET A 350 -13.94 -8.90 -2.67
C MET A 350 -13.25 -9.86 -1.71
C MET A 350 -13.32 -9.83 -1.65
N THR A 351 -12.40 -9.34 -0.82
CA THR A 351 -11.80 -10.18 0.20
C THR A 351 -12.88 -10.72 1.14
N GLY A 352 -13.89 -9.90 1.43
CA GLY A 352 -14.99 -10.32 2.26
C GLY A 352 -15.87 -11.36 1.61
N ILE A 353 -15.65 -11.64 0.33
CA ILE A 353 -16.41 -12.65 -0.38
C ILE A 353 -15.59 -13.93 -0.52
N PHE A 354 -14.41 -13.83 -1.13
CA PHE A 354 -13.65 -15.00 -1.56
C PHE A 354 -12.79 -15.60 -0.46
N ALA A 355 -12.75 -14.98 0.72
CA ALA A 355 -12.21 -15.68 1.88
C ALA A 355 -13.08 -16.85 2.32
N ALA A 356 -14.32 -16.94 1.84
CA ALA A 356 -15.21 -18.02 2.26
C ALA A 356 -14.67 -19.38 1.83
N SER A 357 -14.80 -20.38 2.73
CA SER A 357 -14.31 -21.71 2.42
C SER A 357 -15.02 -22.28 1.20
N SER A 358 -16.30 -21.97 1.03
CA SER A 358 -17.05 -22.47 -0.11
C SER A 358 -16.49 -21.97 -1.44
N LEU A 359 -15.76 -20.86 -1.44
CA LEU A 359 -15.18 -20.31 -2.67
C LEU A 359 -13.69 -20.58 -2.78
N GLY A 360 -13.16 -21.49 -1.98
CA GLY A 360 -11.74 -21.82 -2.03
C GLY A 360 -10.87 -21.03 -1.08
N GLY A 361 -11.45 -20.11 -0.32
CA GLY A 361 -10.70 -19.34 0.64
C GLY A 361 -10.32 -20.14 1.87
N VAL A 362 -9.62 -19.49 2.79
CA VAL A 362 -9.19 -20.15 4.01
C VAL A 362 -10.28 -20.18 5.07
N GLY A 363 -11.39 -19.48 4.84
CA GLY A 363 -12.52 -19.48 5.75
C GLY A 363 -12.61 -18.22 6.58
N PHE A 364 -13.82 -17.69 6.75
CA PHE A 364 -14.04 -16.64 7.73
C PHE A 364 -13.77 -17.16 9.15
N ALA A 365 -13.57 -16.23 10.07
CA ALA A 365 -13.45 -16.60 11.47
C ALA A 365 -14.73 -17.26 11.96
N GLU A 366 -14.62 -17.94 13.11
CA GLU A 366 -15.77 -18.61 13.72
C GLU A 366 -16.90 -17.63 13.99
N GLY A 367 -18.12 -18.06 13.67
CA GLY A 367 -19.27 -17.24 13.95
C GLY A 367 -19.47 -16.07 13.00
N VAL A 368 -18.69 -15.97 11.93
CA VAL A 368 -18.75 -14.84 11.02
C VAL A 368 -19.32 -15.31 9.68
N THR A 369 -20.46 -14.74 9.32
CA THR A 369 -21.04 -14.95 8.00
C THR A 369 -20.41 -14.03 6.97
N MET A 370 -20.63 -14.36 5.68
CA MET A 370 -20.15 -13.51 4.61
C MET A 370 -20.78 -12.12 4.70
N GLY A 371 -22.06 -12.06 5.06
CA GLY A 371 -22.73 -10.77 5.16
C GLY A 371 -22.09 -9.88 6.20
N HIS A 372 -21.81 -10.44 7.38
CA HIS A 372 -21.15 -9.67 8.43
C HIS A 372 -19.76 -9.23 7.99
N GLN A 373 -18.98 -10.15 7.42
CA GLN A 373 -17.63 -9.81 7.00
C GLN A 373 -17.66 -8.67 6.00
N LEU A 374 -18.57 -8.74 5.02
CA LEU A 374 -18.67 -7.68 4.03
C LEU A 374 -18.92 -6.34 4.70
N LEU A 375 -19.84 -6.29 5.64
CA LEU A 375 -20.11 -5.06 6.34
C LEU A 375 -18.87 -4.52 7.04
N VAL A 376 -18.07 -5.43 7.62
CA VAL A 376 -16.84 -4.99 8.27
C VAL A 376 -15.85 -4.44 7.24
N GLN A 377 -15.77 -5.06 6.06
CA GLN A 377 -14.86 -4.54 5.04
C GLN A 377 -15.29 -3.14 4.62
N LEU A 378 -16.59 -2.93 4.43
CA LEU A 378 -17.08 -1.62 3.99
C LEU A 378 -16.85 -0.57 5.06
N GLU A 379 -17.11 -0.92 6.32
CA GLU A 379 -16.84 0.01 7.41
C GLU A 379 -15.36 0.38 7.47
N SER A 380 -14.48 -0.60 7.28
CA SER A 380 -13.05 -0.34 7.29
C SER A 380 -12.64 0.55 6.12
N ILE A 381 -13.22 0.33 4.96
CA ILE A 381 -12.93 1.19 3.81
C ILE A 381 -13.36 2.62 4.10
N ALA A 382 -14.57 2.78 4.64
CA ALA A 382 -15.10 4.13 4.86
C ALA A 382 -14.25 4.87 5.89
N ILE A 383 -13.86 4.19 6.96
CA ILE A 383 -13.07 4.85 7.99
C ILE A 383 -11.72 5.28 7.42
N THR A 384 -11.11 4.42 6.59
CA THR A 384 -9.81 4.77 6.02
C THR A 384 -9.93 5.98 5.09
N ILE A 385 -11.01 6.05 4.31
CA ILE A 385 -11.17 7.14 3.37
C ILE A 385 -11.31 8.47 4.10
N VAL A 386 -12.18 8.51 5.11
CA VAL A 386 -12.42 9.76 5.83
C VAL A 386 -11.21 10.14 6.68
N TRP A 387 -10.62 9.17 7.37
CA TRP A 387 -9.47 9.45 8.22
C TRP A 387 -8.31 10.02 7.39
N SER A 388 -8.00 9.36 6.27
CA SER A 388 -6.89 9.83 5.43
C SER A 388 -7.20 11.17 4.78
N GLY A 389 -8.43 11.36 4.29
CA GLY A 389 -8.78 12.62 3.68
C GLY A 389 -8.64 13.77 4.65
N VAL A 390 -9.17 13.62 5.86
CA VAL A 390 -9.15 14.70 6.83
C VAL A 390 -7.72 15.03 7.23
N VAL A 391 -6.94 14.03 7.63
CA VAL A 391 -5.54 14.27 7.96
C VAL A 391 -4.81 14.90 6.77
N ALA A 392 -5.08 14.41 5.56
CA ALA A 392 -4.38 14.95 4.40
C ALA A 392 -4.73 16.42 4.20
N PHE A 393 -6.00 16.76 4.38
CA PHE A 393 -6.39 18.16 4.27
C PHE A 393 -5.65 19.00 5.30
N ILE A 394 -5.57 18.51 6.54
CA ILE A 394 -4.82 19.22 7.57
C ILE A 394 -3.36 19.34 7.19
N GLY A 395 -2.78 18.26 6.65
CA GLY A 395 -1.37 18.31 6.29
C GLY A 395 -1.08 19.35 5.22
N TYR A 396 -1.85 19.32 4.14
CA TYR A 396 -1.63 20.26 3.04
C TYR A 396 -1.87 21.70 3.49
N LYS A 397 -2.88 21.90 4.35
CA LYS A 397 -3.21 23.24 4.79
C LYS A 397 -2.14 23.80 5.72
N LEU A 398 -1.62 22.97 6.62
CA LEU A 398 -0.52 23.40 7.47
C LEU A 398 0.70 23.78 6.63
N ALA A 399 1.04 22.95 5.63
CA ALA A 399 2.14 23.31 4.75
C ALA A 399 1.85 24.62 4.03
N ASP A 400 0.61 24.80 3.57
CA ASP A 400 0.28 25.98 2.80
C ASP A 400 0.39 27.24 3.66
N LEU A 401 0.02 27.15 4.93
CA LEU A 401 0.07 28.31 5.81
C LEU A 401 1.47 28.58 6.33
N THR A 402 2.36 27.60 6.29
CA THR A 402 3.74 27.77 6.77
C THR A 402 4.67 28.22 5.64
N VAL A 403 4.67 27.50 4.52
CA VAL A 403 5.59 27.77 3.44
C VAL A 403 4.89 28.00 2.09
N GLY A 404 3.62 27.63 1.96
CA GLY A 404 2.96 27.71 0.67
C GLY A 404 3.07 26.40 -0.10
N LEU A 405 1.96 25.94 -0.67
CA LEU A 405 1.93 24.63 -1.32
C LEU A 405 2.47 24.69 -2.75
N ARG A 406 1.92 25.58 -3.57
CA ARG A 406 2.26 25.60 -4.98
C ARG A 406 3.75 25.89 -5.18
N VAL A 407 4.37 25.10 -6.06
CA VAL A 407 5.81 25.24 -6.29
C VAL A 407 6.12 26.68 -6.68
N PRO A 408 7.16 27.31 -6.11
CA PRO A 408 7.37 28.74 -6.35
C PRO A 408 7.71 29.06 -7.79
N GLU A 409 7.81 30.36 -8.06
CA GLU A 409 8.18 30.89 -9.37
C GLU A 409 8.97 29.93 -10.27
#